data_9HR9
#
_entry.id   9HR9
#
_entity_poly.entity_id   1
_entity_poly.type   'polypeptide(L)'
_entity_poly.pdbx_seq_one_letter_code
;IKYTIYNSTGIQIGAYNYMEIG
;
_entity_poly.pdbx_strand_id   A
#
# COMPACT_ATOMS: atom_id res chain seq x y z
N ILE A 1 -2.62 -9.61 -8.68
CA ILE A 1 -1.72 -9.57 -7.53
C ILE A 1 -2.58 -9.87 -6.30
N LYS A 2 -2.34 -10.96 -5.61
CA LYS A 2 -3.02 -11.30 -4.35
C LYS A 2 -2.59 -10.34 -3.23
N TYR A 3 -1.60 -10.59 -2.42
CA TYR A 3 -1.41 -10.19 -1.02
C TYR A 3 -2.61 -10.44 -0.10
N THR A 4 -2.29 -10.52 1.20
CA THR A 4 -3.22 -10.41 2.32
C THR A 4 -2.49 -9.79 3.52
N ILE A 5 -3.02 -8.76 4.16
CA ILE A 5 -2.30 -7.92 5.15
C ILE A 5 -3.34 -7.51 6.23
N TYR A 6 -3.07 -7.72 7.50
CA TYR A 6 -3.97 -7.28 8.59
C TYR A 6 -3.83 -5.76 8.80
N ASN A 7 -4.72 -5.22 9.62
CA ASN A 7 -4.89 -3.83 10.06
C ASN A 7 -3.55 -3.13 10.39
N SER A 8 -2.91 -2.69 9.32
CA SER A 8 -1.62 -1.99 9.30
C SER A 8 -1.69 -0.76 8.39
N THR A 9 -0.63 0.03 8.30
CA THR A 9 -0.71 1.40 7.78
C THR A 9 -0.68 1.38 6.25
N GLY A 10 -1.39 2.30 5.64
CA GLY A 10 -1.95 2.22 4.29
C GLY A 10 -0.92 2.04 3.18
N ILE A 11 -1.13 1.11 2.26
CA ILE A 11 -0.10 0.46 1.45
C ILE A 11 -0.35 0.94 0.02
N GLN A 12 0.71 1.18 -0.77
CA GLN A 12 0.68 1.29 -2.23
C GLN A 12 1.28 0.01 -2.81
N ILE A 13 0.55 -0.69 -3.65
CA ILE A 13 0.98 -1.84 -4.47
C ILE A 13 0.85 -1.42 -5.95
N GLY A 14 1.72 -1.95 -6.80
CA GLY A 14 1.57 -1.98 -8.26
C GLY A 14 2.76 -1.31 -8.93
N ALA A 15 2.54 -0.47 -9.93
CA ALA A 15 3.58 0.42 -10.43
C ALA A 15 3.95 1.49 -9.39
N TYR A 16 5.11 2.12 -9.60
CA TYR A 16 5.61 3.31 -8.89
C TYR A 16 4.53 4.41 -8.82
N ASN A 17 3.68 4.26 -7.76
CA ASN A 17 2.72 5.27 -7.32
C ASN A 17 3.43 6.44 -6.62
N TYR A 18 2.65 7.46 -6.22
CA TYR A 18 3.04 8.53 -5.31
C TYR A 18 2.01 8.69 -4.18
N MET A 19 2.44 8.94 -2.96
CA MET A 19 1.57 8.98 -1.79
C MET A 19 2.29 9.65 -0.61
N GLU A 20 1.56 10.40 0.20
CA GLU A 20 2.11 11.37 1.16
C GLU A 20 1.30 11.29 2.47
N ILE A 21 1.69 10.38 3.33
CA ILE A 21 1.02 10.12 4.61
C ILE A 21 1.58 11.14 5.60
N GLY A 22 0.95 12.29 5.71
CA GLY A 22 1.31 13.26 6.71
C GLY A 22 0.98 12.79 8.13
N ILE A 1 -1.54 -9.63 -8.38
CA ILE A 1 -0.83 -9.31 -7.14
C ILE A 1 -1.84 -9.52 -6.01
N LYS A 2 -1.77 -10.64 -5.31
CA LYS A 2 -2.64 -10.88 -4.16
C LYS A 2 -2.17 -9.99 -3.01
N TYR A 3 -1.23 -10.35 -2.18
CA TYR A 3 -0.98 -9.96 -0.78
C TYR A 3 -2.18 -10.19 0.14
N THR A 4 -1.86 -10.41 1.43
CA THR A 4 -2.81 -10.60 2.53
C THR A 4 -2.19 -10.06 3.82
N ILE A 5 -2.67 -8.96 4.35
CA ILE A 5 -2.12 -8.22 5.51
C ILE A 5 -3.27 -7.74 6.41
N TYR A 6 -3.03 -7.64 7.70
CA TYR A 6 -4.03 -7.19 8.69
C TYR A 6 -4.01 -5.67 8.80
N ASN A 7 -4.94 -5.16 9.56
CA ASN A 7 -5.22 -3.78 9.99
C ASN A 7 -3.94 -2.98 10.27
N SER A 8 -3.34 -2.52 9.17
CA SER A 8 -2.04 -1.84 9.08
C SER A 8 -2.14 -0.64 8.12
N THR A 9 -1.13 0.22 8.14
CA THR A 9 -1.23 1.58 7.59
C THR A 9 -1.19 1.53 6.05
N GLY A 10 -1.92 2.44 5.42
CA GLY A 10 -2.48 2.32 4.07
C GLY A 10 -1.45 2.15 2.96
N ILE A 11 -1.73 1.32 1.96
CA ILE A 11 -0.76 0.69 1.06
C ILE A 11 -1.17 1.13 -0.36
N GLN A 12 -0.21 1.49 -1.20
CA GLN A 12 -0.30 1.50 -2.66
C GLN A 12 0.22 0.18 -3.26
N ILE A 13 -0.58 -0.59 -3.93
CA ILE A 13 -0.20 -1.74 -4.78
C ILE A 13 -0.34 -1.30 -6.25
N GLY A 14 0.75 -1.26 -6.99
CA GLY A 14 0.68 -1.21 -8.46
C GLY A 14 2.02 -0.90 -9.09
N ALA A 15 2.04 -0.07 -10.11
CA ALA A 15 3.24 0.67 -10.52
C ALA A 15 3.59 1.77 -9.52
N TYR A 16 4.77 2.35 -9.71
CA TYR A 16 5.35 3.47 -8.96
C TYR A 16 4.36 4.65 -8.82
N ASN A 17 3.47 4.46 -7.81
CA ASN A 17 2.62 5.52 -7.24
C ASN A 17 3.44 6.52 -6.41
N TYR A 18 2.79 7.59 -5.98
CA TYR A 18 3.32 8.65 -5.12
C TYR A 18 2.41 8.85 -3.90
N MET A 19 2.76 8.26 -2.75
CA MET A 19 2.09 8.49 -1.46
C MET A 19 2.68 9.72 -0.77
N GLU A 20 1.91 10.33 0.12
CA GLU A 20 2.41 11.16 1.23
C GLU A 20 1.56 10.90 2.48
N ILE A 21 1.94 9.90 3.25
CA ILE A 21 1.33 9.57 4.55
C ILE A 21 2.08 10.40 5.59
N GLY A 22 1.57 11.60 5.86
CA GLY A 22 2.14 12.41 6.93
C GLY A 22 1.52 13.80 6.99
N ILE A 1 -2.66 -9.65 -8.58
CA ILE A 1 -1.76 -9.53 -7.43
C ILE A 1 -2.66 -9.64 -6.19
N LYS A 2 -2.56 -10.72 -5.42
CA LYS A 2 -3.43 -10.91 -4.27
C LYS A 2 -2.92 -10.03 -3.14
N TYR A 3 -1.92 -10.41 -2.39
CA TYR A 3 -1.64 -10.13 -0.97
C TYR A 3 -2.83 -10.36 -0.04
N THR A 4 -2.48 -10.48 1.27
CA THR A 4 -3.41 -10.40 2.40
C THR A 4 -2.65 -9.86 3.62
N ILE A 5 -3.13 -8.82 4.27
CA ILE A 5 -2.39 -8.01 5.24
C ILE A 5 -3.36 -7.68 6.39
N TYR A 6 -2.90 -7.70 7.63
CA TYR A 6 -3.70 -7.42 8.84
C TYR A 6 -3.70 -5.91 9.13
N ASN A 7 -4.30 -5.45 10.22
CA ASN A 7 -4.44 -4.03 10.61
C ASN A 7 -3.08 -3.31 10.66
N SER A 8 -2.80 -2.50 9.64
CA SER A 8 -1.48 -1.92 9.37
C SER A 8 -1.61 -0.67 8.48
N THR A 9 -0.55 0.12 8.42
CA THR A 9 -0.63 1.47 7.86
C THR A 9 -0.59 1.41 6.33
N GLY A 10 -1.30 2.32 5.68
CA GLY A 10 -1.83 2.19 4.33
C GLY A 10 -0.77 2.02 3.23
N ILE A 11 -0.98 1.12 2.29
CA ILE A 11 0.06 0.49 1.47
C ILE A 11 -0.22 0.97 0.02
N GLN A 12 0.83 1.23 -0.77
CA GLN A 12 0.81 1.26 -2.24
C GLN A 12 1.40 -0.07 -2.76
N ILE A 13 0.66 -0.78 -3.58
CA ILE A 13 1.09 -1.93 -4.39
C ILE A 13 0.99 -1.53 -5.86
N GLY A 14 1.85 -2.10 -6.70
CA GLY A 14 1.78 -2.04 -8.17
C GLY A 14 2.95 -1.26 -8.74
N ALA A 15 2.75 -0.44 -9.74
CA ALA A 15 3.79 0.45 -10.24
C ALA A 15 4.15 1.54 -9.21
N TYR A 16 5.31 2.17 -9.41
CA TYR A 16 5.74 3.43 -8.81
C TYR A 16 4.62 4.50 -8.80
N ASN A 17 3.74 4.33 -7.78
CA ASN A 17 2.78 5.34 -7.33
C ASN A 17 3.48 6.46 -6.54
N TYR A 18 2.72 7.47 -6.16
CA TYR A 18 3.10 8.57 -5.26
C TYR A 18 2.05 8.74 -4.16
N MET A 19 2.37 8.47 -2.91
CA MET A 19 1.58 8.74 -1.70
C MET A 19 2.24 9.85 -0.88
N GLU A 20 1.47 10.55 -0.05
CA GLU A 20 1.96 11.44 1.00
C GLU A 20 1.06 11.31 2.24
N ILE A 21 1.42 10.41 3.15
CA ILE A 21 0.83 10.35 4.49
C ILE A 21 1.41 11.51 5.30
N GLY A 22 0.60 12.07 6.21
CA GLY A 22 1.04 13.21 7.01
C GLY A 22 1.18 14.47 6.19
N ILE A 1 -2.60 -9.14 -8.29
CA ILE A 1 -1.60 -9.19 -7.22
C ILE A 1 -2.40 -9.34 -5.92
N LYS A 2 -2.25 -10.45 -5.22
CA LYS A 2 -3.21 -10.89 -4.20
C LYS A 2 -2.84 -10.25 -2.85
N TYR A 3 -1.82 -10.65 -2.15
CA TYR A 3 -1.03 -9.83 -1.21
C TYR A 3 -1.83 -9.52 0.07
N THR A 4 -1.70 -10.35 1.10
CA THR A 4 -2.62 -10.47 2.24
C THR A 4 -1.92 -9.93 3.48
N ILE A 5 -2.50 -8.99 4.22
CA ILE A 5 -2.04 -8.51 5.53
C ILE A 5 -3.22 -8.26 6.48
N TYR A 6 -2.91 -8.13 7.76
CA TYR A 6 -3.81 -7.64 8.81
C TYR A 6 -3.69 -6.11 8.91
N ASN A 7 -4.49 -5.53 9.79
CA ASN A 7 -4.44 -4.16 10.33
C ASN A 7 -3.01 -3.65 10.57
N SER A 8 -2.46 -3.00 9.55
CA SER A 8 -1.18 -2.29 9.61
C SER A 8 -1.19 -1.09 8.64
N THR A 9 -0.15 -0.29 8.58
CA THR A 9 -0.15 1.00 7.88
C THR A 9 -0.20 0.79 6.37
N GLY A 10 -0.90 1.70 5.68
CA GLY A 10 -1.44 1.41 4.36
C GLY A 10 -0.40 1.37 3.26
N ILE A 11 -0.78 0.70 2.18
CA ILE A 11 0.11 0.07 1.20
C ILE A 11 -0.32 0.51 -0.21
N GLN A 12 0.60 0.61 -1.14
CA GLN A 12 0.39 0.75 -2.59
C GLN A 12 0.94 -0.48 -3.32
N ILE A 13 0.21 -1.01 -4.28
CA ILE A 13 0.49 -2.26 -5.02
C ILE A 13 0.41 -1.93 -6.51
N GLY A 14 1.53 -1.94 -7.22
CA GLY A 14 1.58 -1.93 -8.68
C GLY A 14 2.84 -1.21 -9.17
N ALA A 15 2.72 -0.30 -10.12
CA ALA A 15 3.85 0.54 -10.54
C ALA A 15 4.21 1.57 -9.47
N TYR A 16 5.37 2.22 -9.68
CA TYR A 16 5.81 3.43 -9.00
C TYR A 16 4.72 4.53 -8.99
N ASN A 17 3.83 4.38 -7.98
CA ASN A 17 2.93 5.45 -7.51
C ASN A 17 3.68 6.51 -6.70
N TYR A 18 2.98 7.55 -6.31
CA TYR A 18 3.41 8.62 -5.37
C TYR A 18 2.48 8.66 -4.14
N MET A 19 2.95 8.29 -2.97
CA MET A 19 2.23 8.39 -1.68
C MET A 19 2.46 9.78 -1.07
N GLU A 20 1.50 10.26 -0.28
CA GLU A 20 1.77 11.30 0.71
C GLU A 20 0.78 11.17 1.88
N ILE A 21 1.14 10.36 2.86
CA ILE A 21 0.46 10.22 4.16
C ILE A 21 1.27 11.07 5.14
N GLY A 22 0.82 12.29 5.41
CA GLY A 22 1.38 13.08 6.50
C GLY A 22 2.75 13.63 6.17
N ILE A 1 -2.01 -11.07 -8.47
CA ILE A 1 -1.30 -10.65 -7.27
C ILE A 1 -2.34 -10.69 -6.13
N LYS A 2 -2.31 -11.70 -5.28
CA LYS A 2 -3.29 -11.84 -4.22
C LYS A 2 -2.92 -10.84 -3.11
N TYR A 3 -1.84 -11.02 -2.39
CA TYR A 3 -1.19 -10.15 -1.40
C TYR A 3 -2.03 -9.95 -0.14
N THR A 4 -1.59 -10.48 1.00
CA THR A 4 -2.42 -10.81 2.17
C THR A 4 -1.81 -10.16 3.42
N ILE A 5 -2.35 -9.06 3.89
CA ILE A 5 -1.85 -8.24 5.02
C ILE A 5 -3.05 -7.91 5.94
N TYR A 6 -2.84 -7.89 7.24
CA TYR A 6 -3.79 -7.51 8.30
C TYR A 6 -3.44 -6.12 8.86
N ASN A 7 -4.38 -5.52 9.56
CA ASN A 7 -4.61 -4.10 9.84
C ASN A 7 -3.35 -3.28 10.13
N SER A 8 -3.21 -2.14 9.47
CA SER A 8 -1.91 -1.58 9.09
C SER A 8 -2.11 -0.27 8.30
N THR A 9 -1.08 0.58 8.31
CA THR A 9 -1.18 1.97 7.85
C THR A 9 -0.99 2.04 6.34
N GLY A 10 -1.69 2.94 5.68
CA GLY A 10 -2.16 2.88 4.30
C GLY A 10 -1.08 2.67 3.24
N ILE A 11 -1.24 1.73 2.33
CA ILE A 11 -0.18 1.04 1.59
C ILE A 11 -0.40 1.37 0.11
N GLN A 12 0.66 1.62 -0.67
CA GLN A 12 0.62 1.64 -2.13
C GLN A 12 0.96 0.23 -2.64
N ILE A 13 0.07 -0.39 -3.39
CA ILE A 13 0.22 -1.69 -4.07
C ILE A 13 0.03 -1.43 -5.58
N GLY A 14 1.09 -1.54 -6.37
CA GLY A 14 0.99 -1.69 -7.82
C GLY A 14 2.30 -1.31 -8.52
N ALA A 15 2.23 -0.48 -9.55
CA ALA A 15 3.39 0.29 -10.03
C ALA A 15 3.79 1.39 -9.05
N TYR A 16 4.94 2.02 -9.34
CA TYR A 16 5.47 3.19 -8.65
C TYR A 16 4.43 4.33 -8.60
N ASN A 17 3.55 4.20 -7.58
CA ASN A 17 2.66 5.28 -7.10
C ASN A 17 3.46 6.35 -6.35
N TYR A 18 2.77 7.42 -6.00
CA TYR A 18 3.21 8.48 -5.09
C TYR A 18 2.18 8.64 -3.95
N MET A 19 2.61 8.71 -2.71
CA MET A 19 1.84 9.22 -1.55
C MET A 19 2.59 10.38 -0.90
N GLU A 20 1.94 11.01 0.09
CA GLU A 20 2.61 11.89 1.03
C GLU A 20 1.86 11.90 2.36
N ILE A 21 2.14 10.90 3.19
CA ILE A 21 1.50 10.72 4.49
C ILE A 21 2.25 11.65 5.46
N GLY A 22 1.54 12.26 6.40
CA GLY A 22 2.17 13.07 7.42
C GLY A 22 2.70 14.39 6.88
N ILE A 1 -2.60 -9.57 -8.63
CA ILE A 1 -1.74 -9.46 -7.46
C ILE A 1 -2.68 -9.52 -6.25
N LYS A 2 -2.69 -10.60 -5.49
CA LYS A 2 -3.53 -10.70 -4.30
C LYS A 2 -2.95 -9.84 -3.17
N TYR A 3 -1.93 -10.29 -2.46
CA TYR A 3 -1.61 -10.07 -1.04
C TYR A 3 -2.79 -10.29 -0.09
N THR A 4 -2.40 -10.49 1.19
CA THR A 4 -3.25 -10.31 2.37
C THR A 4 -2.41 -9.76 3.53
N ILE A 5 -2.89 -8.72 4.22
CA ILE A 5 -2.12 -7.87 5.14
C ILE A 5 -3.08 -7.47 6.28
N TYR A 6 -2.78 -7.76 7.53
CA TYR A 6 -3.65 -7.40 8.67
C TYR A 6 -3.47 -5.91 9.02
N ASN A 7 -4.34 -5.42 9.90
CA ASN A 7 -4.46 -4.10 10.53
C ASN A 7 -3.11 -3.38 10.70
N SER A 8 -2.71 -2.70 9.63
CA SER A 8 -1.45 -1.95 9.50
C SER A 8 -1.69 -0.60 8.81
N THR A 9 -0.64 0.22 8.80
CA THR A 9 -0.67 1.49 8.09
C THR A 9 -0.71 1.24 6.58
N GLY A 10 -1.37 2.15 5.85
CA GLY A 10 -1.78 1.87 4.48
C GLY A 10 -0.62 1.85 3.50
N ILE A 11 -0.83 1.13 2.41
CA ILE A 11 0.21 0.58 1.54
C ILE A 11 -0.11 0.99 0.10
N GLN A 12 0.91 1.14 -0.75
CA GLN A 12 0.80 1.19 -2.22
C GLN A 12 1.41 -0.11 -2.77
N ILE A 13 0.70 -0.80 -3.64
CA ILE A 13 1.14 -1.95 -4.45
C ILE A 13 1.03 -1.54 -5.93
N GLY A 14 1.89 -2.08 -6.77
CA GLY A 14 1.80 -2.04 -8.23
C GLY A 14 2.96 -1.27 -8.82
N ALA A 15 2.73 -0.42 -9.82
CA ALA A 15 3.77 0.49 -10.31
C ALA A 15 4.12 1.54 -9.27
N TYR A 16 5.28 2.17 -9.45
CA TYR A 16 5.70 3.44 -8.84
C TYR A 16 4.58 4.49 -8.82
N ASN A 17 3.72 4.31 -7.79
CA ASN A 17 2.76 5.33 -7.34
C ASN A 17 3.45 6.48 -6.60
N TYR A 18 2.67 7.49 -6.22
CA TYR A 18 3.06 8.57 -5.31
C TYR A 18 1.99 8.70 -4.20
N MET A 19 2.34 8.56 -2.95
CA MET A 19 1.52 8.85 -1.75
C MET A 19 2.28 9.81 -0.83
N GLU A 20 1.57 10.58 -0.01
CA GLU A 20 2.13 11.45 1.03
C GLU A 20 1.26 11.36 2.29
N ILE A 21 1.60 10.46 3.20
CA ILE A 21 0.89 10.28 4.47
C ILE A 21 1.37 11.41 5.38
N GLY A 22 0.45 12.10 6.05
CA GLY A 22 0.85 13.03 7.11
C GLY A 22 1.43 12.32 8.32
N ILE A 1 -0.55 -10.75 -8.15
CA ILE A 1 0.01 -10.08 -7.00
C ILE A 1 -0.65 -10.71 -5.75
N LYS A 2 -1.94 -10.59 -5.62
CA LYS A 2 -2.74 -10.80 -4.40
C LYS A 2 -2.17 -9.91 -3.29
N TYR A 3 -1.18 -10.33 -2.54
CA TYR A 3 -0.92 -10.12 -1.10
C TYR A 3 -2.11 -10.52 -0.23
N THR A 4 -1.80 -10.70 1.08
CA THR A 4 -2.78 -10.62 2.14
C THR A 4 -2.11 -10.17 3.45
N ILE A 5 -2.69 -9.22 4.16
CA ILE A 5 -2.12 -8.52 5.32
C ILE A 5 -3.25 -8.09 6.28
N TYR A 6 -2.97 -8.00 7.55
CA TYR A 6 -3.89 -7.46 8.57
C TYR A 6 -3.78 -5.93 8.62
N ASN A 7 -4.66 -5.31 9.39
CA ASN A 7 -4.81 -3.87 9.56
C ASN A 7 -3.51 -3.18 10.00
N SER A 8 -3.25 -2.03 9.41
CA SER A 8 -1.90 -1.49 9.21
C SER A 8 -1.95 -0.11 8.56
N THR A 9 -0.81 0.55 8.42
CA THR A 9 -0.70 1.76 7.62
C THR A 9 -0.90 1.44 6.13
N GLY A 10 -1.19 2.48 5.36
CA GLY A 10 -1.68 2.30 4.00
C GLY A 10 -0.57 1.95 3.01
N ILE A 11 -0.97 1.37 1.89
CA ILE A 11 -0.13 0.55 1.00
C ILE A 11 -0.31 1.06 -0.44
N GLN A 12 0.74 0.98 -1.24
CA GLN A 12 0.72 1.04 -2.71
C GLN A 12 0.77 -0.38 -3.28
N ILE A 13 -0.28 -0.81 -3.97
CA ILE A 13 -0.31 -2.02 -4.83
C ILE A 13 -0.45 -1.53 -6.28
N GLY A 14 0.62 -1.56 -7.04
CA GLY A 14 0.58 -1.46 -8.50
C GLY A 14 1.92 -1.06 -9.10
N ALA A 15 1.93 -0.11 -10.03
CA ALA A 15 3.15 0.61 -10.39
C ALA A 15 3.60 1.55 -9.28
N TYR A 16 4.79 2.14 -9.49
CA TYR A 16 5.32 3.28 -8.75
C TYR A 16 4.31 4.45 -8.74
N ASN A 17 3.38 4.34 -7.76
CA ASN A 17 2.56 5.46 -7.27
C ASN A 17 3.39 6.38 -6.35
N TYR A 18 2.79 7.46 -5.93
CA TYR A 18 3.31 8.44 -4.95
C TYR A 18 2.31 8.58 -3.78
N MET A 19 2.70 8.34 -2.55
CA MET A 19 1.96 8.67 -1.32
C MET A 19 2.50 9.98 -0.74
N GLU A 20 1.78 10.51 0.25
CA GLU A 20 2.35 11.44 1.22
C GLU A 20 1.58 11.33 2.54
N ILE A 21 1.90 10.31 3.32
CA ILE A 21 1.26 10.00 4.61
C ILE A 21 2.03 10.80 5.65
N GLY A 22 1.57 12.03 5.92
CA GLY A 22 2.14 12.82 6.99
C GLY A 22 1.83 12.26 8.37
N ILE A 1 -1.62 -9.63 -8.33
CA ILE A 1 -0.85 -9.40 -7.12
C ILE A 1 -1.87 -9.46 -5.97
N LYS A 2 -1.96 -10.58 -5.26
CA LYS A 2 -2.84 -10.66 -4.09
C LYS A 2 -2.28 -9.81 -2.96
N TYR A 3 -1.23 -10.24 -2.29
CA TYR A 3 -0.86 -10.04 -0.88
C TYR A 3 -1.97 -10.46 0.08
N THR A 4 -1.58 -10.58 1.37
CA THR A 4 -2.51 -10.64 2.50
C THR A 4 -1.83 -10.15 3.78
N ILE A 5 -2.46 -9.23 4.48
CA ILE A 5 -1.91 -8.39 5.56
C ILE A 5 -3.06 -7.91 6.47
N TYR A 6 -2.79 -7.68 7.73
CA TYR A 6 -3.78 -7.23 8.74
C TYR A 6 -3.76 -5.70 8.83
N ASN A 7 -4.71 -5.17 9.57
CA ASN A 7 -5.00 -3.80 9.94
C ASN A 7 -3.75 -2.96 10.25
N SER A 8 -3.06 -2.64 9.16
CA SER A 8 -1.82 -1.86 9.08
C SER A 8 -2.08 -0.52 8.37
N THR A 9 -1.06 0.32 8.35
CA THR A 9 -1.10 1.62 7.68
C THR A 9 -1.19 1.43 6.16
N GLY A 10 -1.82 2.37 5.48
CA GLY A 10 -2.28 2.21 4.10
C GLY A 10 -1.18 2.03 3.07
N ILE A 11 -1.58 1.45 1.95
CA ILE A 11 -0.77 0.61 1.07
C ILE A 11 -0.99 1.06 -0.39
N GLN A 12 -0.01 0.87 -1.25
CA GLN A 12 -0.06 1.03 -2.70
C GLN A 12 0.47 -0.25 -3.37
N ILE A 13 -0.18 -0.74 -4.39
CA ILE A 13 0.12 -1.98 -5.14
C ILE A 13 0.06 -1.62 -6.64
N GLY A 14 1.06 -1.94 -7.41
CA GLY A 14 1.05 -1.96 -8.87
C GLY A 14 2.28 -1.25 -9.44
N ALA A 15 2.13 -0.26 -10.28
CA ALA A 15 3.25 0.58 -10.73
C ALA A 15 3.73 1.50 -9.61
N TYR A 16 4.87 2.15 -9.88
CA TYR A 16 5.42 3.23 -9.06
C TYR A 16 4.40 4.38 -8.94
N ASN A 17 3.55 4.24 -7.90
CA ASN A 17 2.67 5.30 -7.39
C ASN A 17 3.46 6.34 -6.59
N TYR A 18 2.77 7.39 -6.13
CA TYR A 18 3.25 8.38 -5.16
C TYR A 18 2.24 8.57 -4.02
N MET A 19 2.71 8.75 -2.79
CA MET A 19 1.86 8.83 -1.60
C MET A 19 2.66 9.41 -0.42
N GLU A 20 1.97 10.10 0.47
CA GLU A 20 2.58 11.00 1.47
C GLU A 20 1.74 10.95 2.76
N ILE A 21 2.04 9.98 3.61
CA ILE A 21 1.41 9.77 4.91
C ILE A 21 2.24 10.56 5.93
N GLY A 22 1.82 11.76 6.26
CA GLY A 22 2.41 12.49 7.37
C GLY A 22 3.78 13.05 7.04
N ILE A 1 -2.18 -9.45 -8.42
CA ILE A 1 -1.15 -9.28 -7.40
C ILE A 1 -1.89 -9.26 -6.06
N LYS A 2 -1.89 -10.38 -5.33
CA LYS A 2 -3.01 -10.68 -4.43
C LYS A 2 -2.72 -10.09 -3.05
N TYR A 3 -1.75 -10.45 -2.28
CA TYR A 3 -1.53 -10.20 -0.84
C TYR A 3 -2.72 -10.45 0.06
N THR A 4 -2.43 -10.49 1.39
CA THR A 4 -3.40 -10.46 2.47
C THR A 4 -2.72 -9.92 3.74
N ILE A 5 -3.16 -8.80 4.28
CA ILE A 5 -2.40 -7.95 5.21
C ILE A 5 -3.39 -7.46 6.30
N TYR A 6 -3.09 -7.60 7.58
CA TYR A 6 -3.98 -7.16 8.67
C TYR A 6 -3.89 -5.64 8.85
N ASN A 7 -4.79 -5.12 9.67
CA ASN A 7 -4.99 -3.71 10.06
C ASN A 7 -3.67 -3.00 10.44
N SER A 8 -2.95 -2.64 9.37
CA SER A 8 -1.72 -1.84 9.35
C SER A 8 -1.91 -0.59 8.47
N THR A 9 -0.90 0.27 8.46
CA THR A 9 -0.89 1.52 7.69
C THR A 9 -0.98 1.27 6.19
N GLY A 10 -1.66 2.16 5.48
CA GLY A 10 -2.21 1.92 4.15
C GLY A 10 -1.15 1.69 3.07
N ILE A 11 -1.47 0.88 2.06
CA ILE A 11 -0.52 0.24 1.15
C ILE A 11 -0.98 0.60 -0.27
N GLN A 12 -0.06 1.02 -1.13
CA GLN A 12 -0.14 0.94 -2.61
C GLN A 12 0.62 -0.29 -3.11
N ILE A 13 -0.05 -1.23 -3.72
CA ILE A 13 0.53 -2.25 -4.60
C ILE A 13 0.34 -1.79 -6.05
N GLY A 14 1.29 -2.08 -6.92
CA GLY A 14 1.29 -1.75 -8.35
C GLY A 14 2.59 -1.08 -8.76
N ALA A 15 2.55 -0.28 -9.83
CA ALA A 15 3.71 0.49 -10.28
C ALA A 15 4.03 1.64 -9.32
N TYR A 16 5.20 2.24 -9.54
CA TYR A 16 5.70 3.48 -8.94
C TYR A 16 4.64 4.60 -8.93
N ASN A 17 3.74 4.48 -7.93
CA ASN A 17 2.79 5.50 -7.51
C ASN A 17 3.45 6.56 -6.61
N TYR A 18 2.69 7.58 -6.26
CA TYR A 18 3.04 8.66 -5.32
C TYR A 18 1.98 8.76 -4.20
N MET A 19 2.30 8.33 -3.00
CA MET A 19 1.58 8.64 -1.74
C MET A 19 2.22 9.87 -1.08
N GLU A 20 1.48 10.62 -0.29
CA GLU A 20 1.98 11.47 0.80
C GLU A 20 1.25 11.13 2.11
N ILE A 21 1.92 10.70 3.16
CA ILE A 21 1.29 10.25 4.40
C ILE A 21 1.14 11.54 5.22
N GLY A 22 -0.06 11.82 5.72
CA GLY A 22 -0.23 12.93 6.65
C GLY A 22 0.42 12.66 7.99
N ILE A 1 -2.24 -10.62 -8.37
CA ILE A 1 -1.28 -10.15 -7.37
C ILE A 1 -1.65 -10.78 -6.01
N LYS A 2 -2.87 -10.96 -5.60
CA LYS A 2 -3.33 -11.47 -4.29
C LYS A 2 -2.77 -10.58 -3.17
N TYR A 3 -1.79 -10.85 -2.38
CA TYR A 3 -1.04 -9.98 -1.45
C TYR A 3 -1.94 -9.67 -0.23
N THR A 4 -1.77 -10.39 0.86
CA THR A 4 -2.77 -10.57 1.94
C THR A 4 -2.13 -10.15 3.26
N ILE A 5 -2.79 -9.28 4.03
CA ILE A 5 -2.26 -8.61 5.23
C ILE A 5 -3.41 -8.34 6.22
N TYR A 6 -3.08 -8.20 7.48
CA TYR A 6 -3.96 -7.73 8.57
C TYR A 6 -3.92 -6.21 8.66
N ASN A 7 -4.76 -5.66 9.52
CA ASN A 7 -4.84 -4.27 9.95
C ASN A 7 -3.46 -3.66 10.26
N SER A 8 -2.81 -3.20 9.18
CA SER A 8 -1.61 -2.37 9.16
C SER A 8 -1.92 -1.00 8.57
N THR A 9 -0.95 -0.09 8.72
CA THR A 9 -1.05 1.26 8.16
C THR A 9 -0.99 1.18 6.63
N GLY A 10 -1.67 2.09 5.95
CA GLY A 10 -2.14 1.86 4.58
C GLY A 10 -1.04 1.83 3.54
N ILE A 11 -1.25 1.01 2.52
CA ILE A 11 -0.22 0.44 1.64
C ILE A 11 -0.52 0.87 0.20
N GLN A 12 0.51 1.05 -0.61
CA GLN A 12 0.47 1.12 -2.07
C GLN A 12 0.90 -0.24 -2.67
N ILE A 13 0.07 -0.87 -3.46
CA ILE A 13 0.44 -1.96 -4.38
C ILE A 13 0.31 -1.42 -5.81
N GLY A 14 1.13 -1.90 -6.72
CA GLY A 14 1.06 -1.67 -8.17
C GLY A 14 2.36 -1.07 -8.69
N ALA A 15 2.29 -0.16 -9.66
CA ALA A 15 3.47 0.57 -10.13
C ALA A 15 3.97 1.58 -9.10
N TYR A 16 5.14 2.17 -9.41
CA TYR A 16 5.66 3.37 -8.76
C TYR A 16 4.62 4.51 -8.82
N ASN A 17 3.86 4.63 -7.71
CA ASN A 17 3.01 5.79 -7.39
C ASN A 17 3.83 6.91 -6.73
N TYR A 18 3.18 8.02 -6.49
CA TYR A 18 3.60 9.11 -5.59
C TYR A 18 2.88 8.98 -4.25
N MET A 19 3.58 9.10 -3.14
CA MET A 19 3.16 8.73 -1.77
C MET A 19 3.35 9.92 -0.85
N GLU A 20 2.35 10.30 -0.06
CA GLU A 20 2.39 11.53 0.74
C GLU A 20 1.42 11.35 1.91
N ILE A 21 1.91 10.78 2.99
CA ILE A 21 1.18 10.46 4.23
C ILE A 21 1.86 11.27 5.33
N GLY A 22 1.42 12.51 5.50
CA GLY A 22 1.98 13.35 6.54
C GLY A 22 1.24 14.66 6.71
#